data_1CO4
#
_entry.id   1CO4
#
_cell.length_a   1.000
_cell.length_b   1.000
_cell.length_c   1.000
_cell.angle_alpha   90.00
_cell.angle_beta   90.00
_cell.angle_gamma   90.00
#
_symmetry.space_group_name_H-M   'P 1'
#
loop_
_entity.id
_entity.type
_entity.pdbx_description
1 polymer 'PROTEIN (ACTIVATOR OF METALLOTHIONEIN 1)'
2 non-polymer 'ZINC ION'
#
_entity_poly.entity_id   1
_entity_poly.type   'polypeptide(L)'
_entity_poly.pdbx_seq_one_letter_code
;MVVINGVKYACDSCIKSHKAAQCEHNDRPLKILKPRGRPPTT
;
_entity_poly.pdbx_strand_id   A
#
# COMPACT_ATOMS: atom_id res chain seq x y z
N MET A 1 1.58 5.71 -2.94
CA MET A 1 1.38 4.99 -1.70
C MET A 1 1.83 5.83 -0.50
N VAL A 2 1.47 5.34 0.69
CA VAL A 2 1.83 6.03 1.91
C VAL A 2 2.40 5.03 2.91
N VAL A 3 3.29 5.52 3.76
CA VAL A 3 3.90 4.67 4.77
C VAL A 3 4.04 5.45 6.07
N ILE A 4 3.79 4.76 7.17
CA ILE A 4 3.89 5.38 8.48
C ILE A 4 4.67 4.46 9.43
N ASN A 5 5.73 5.00 9.99
CA ASN A 5 6.57 4.24 10.91
C ASN A 5 7.15 3.04 10.18
N GLY A 6 6.39 1.96 10.17
CA GLY A 6 6.83 0.74 9.50
C GLY A 6 5.66 0.05 8.81
N VAL A 7 4.65 0.85 8.46
CA VAL A 7 3.48 0.32 7.79
C VAL A 7 3.35 0.98 6.42
N LYS A 8 2.67 0.27 5.52
CA LYS A 8 2.47 0.76 4.17
C LYS A 8 0.97 0.84 3.88
N TYR A 9 0.63 1.65 2.88
CA TYR A 9 -0.75 1.82 2.49
C TYR A 9 -0.87 2.35 1.06
N ALA A 10 -2.10 2.40 0.58
CA ALA A 10 -2.35 2.89 -0.77
C ALA A 10 -3.83 2.70 -1.10
N CYS A 11 -4.25 3.35 -2.17
CA CYS A 11 -5.63 3.26 -2.62
C CYS A 11 -5.89 1.84 -3.10
N ASP A 12 -7.16 1.45 -3.08
CA ASP A 12 -7.55 0.12 -3.51
C ASP A 12 -7.34 0.00 -5.03
N SER A 13 -7.12 1.15 -5.65
CA SER A 13 -6.90 1.19 -7.09
C SER A 13 -5.41 1.29 -7.38
N CYS A 14 -4.61 0.82 -6.44
CA CYS A 14 -3.16 0.86 -6.58
C CYS A 14 -2.58 -0.38 -5.90
N ILE A 15 -2.83 -0.47 -4.60
CA ILE A 15 -2.34 -1.60 -3.81
C ILE A 15 -2.87 -2.90 -4.42
N LYS A 16 -4.00 -2.78 -5.10
CA LYS A 16 -4.64 -3.94 -5.72
C LYS A 16 -4.19 -4.02 -7.18
N SER A 17 -3.71 -2.90 -7.69
CA SER A 17 -3.24 -2.84 -9.06
C SER A 17 -1.73 -3.03 -9.11
N HIS A 18 -1.02 -1.97 -8.74
CA HIS A 18 0.43 -2.01 -8.74
C HIS A 18 0.99 -0.57 -8.79
N LYS A 19 0.17 0.32 -9.33
CA LYS A 19 0.56 1.71 -9.44
C LYS A 19 0.98 2.23 -8.06
N ALA A 20 0.55 1.51 -7.04
CA ALA A 20 0.88 1.88 -5.67
C ALA A 20 2.35 2.28 -5.60
N ALA A 21 3.13 1.72 -6.51
CA ALA A 21 4.55 2.01 -6.54
C ALA A 21 4.78 3.49 -6.21
N GLN A 22 3.82 4.31 -6.62
CA GLN A 22 3.90 5.73 -6.37
C GLN A 22 2.51 6.35 -6.36
N CYS A 23 1.58 5.62 -5.77
CA CYS A 23 0.20 6.08 -5.70
C CYS A 23 0.20 7.49 -5.10
N GLU A 24 -0.71 8.31 -5.58
CA GLU A 24 -0.83 9.68 -5.10
C GLU A 24 -2.25 10.20 -5.30
N HIS A 25 -3.18 9.25 -5.40
CA HIS A 25 -4.58 9.60 -5.59
C HIS A 25 -5.19 10.04 -4.27
N ASN A 26 -6.35 10.68 -4.36
CA ASN A 26 -7.04 11.15 -3.18
C ASN A 26 -8.29 10.29 -2.95
N ASP A 27 -9.30 10.51 -3.78
CA ASP A 27 -10.53 9.77 -3.68
C ASP A 27 -10.22 8.27 -3.61
N ARG A 28 -11.28 7.48 -3.49
CA ARG A 28 -11.14 6.05 -3.41
C ARG A 28 -10.73 5.62 -2.00
N PRO A 29 -11.14 4.38 -1.63
CA PRO A 29 -10.83 3.85 -0.32
C PRO A 29 -9.35 3.43 -0.23
N LEU A 30 -8.74 3.80 0.89
CA LEU A 30 -7.34 3.47 1.11
C LEU A 30 -7.24 2.12 1.82
N LYS A 31 -6.04 1.55 1.80
CA LYS A 31 -5.80 0.27 2.44
C LYS A 31 -4.37 0.24 3.00
N ILE A 32 -4.10 -0.78 3.78
CA ILE A 32 -2.79 -0.94 4.38
C ILE A 32 -2.09 -2.15 3.75
N LEU A 33 -0.81 -2.28 4.08
CA LEU A 33 -0.02 -3.38 3.56
C LEU A 33 1.38 -3.32 4.17
N LYS A 34 2.11 -4.43 4.00
CA LYS A 34 3.46 -4.51 4.53
C LYS A 34 4.34 -5.28 3.54
N PRO A 35 5.66 -5.32 3.85
CA PRO A 35 6.61 -6.02 3.00
C PRO A 35 6.49 -7.54 3.17
N ARG A 36 5.53 -8.10 2.47
CA ARG A 36 5.29 -9.54 2.54
C ARG A 36 5.00 -9.96 3.97
N GLY A 37 4.35 -11.11 4.10
CA GLY A 37 4.00 -11.64 5.40
C GLY A 37 3.91 -13.17 5.36
N ARG A 38 2.84 -13.65 4.75
CA ARG A 38 2.63 -15.09 4.65
C ARG A 38 1.91 -15.61 5.89
N PRO A 39 1.12 -16.70 5.69
CA PRO A 39 0.39 -17.31 6.78
C PRO A 39 1.31 -18.10 7.71
N PRO A 40 0.81 -18.35 8.94
CA PRO A 40 1.58 -19.09 9.93
C PRO A 40 1.60 -20.59 9.59
N THR A 41 0.58 -21.01 8.85
CA THR A 41 0.47 -22.40 8.46
C THR A 41 0.36 -22.52 6.93
N THR A 42 -0.84 -22.28 6.44
CA THR A 42 -1.09 -22.36 5.01
C THR A 42 -2.27 -21.47 4.62
N MET A 1 1.29 5.61 -2.83
CA MET A 1 1.07 4.97 -1.54
C MET A 1 1.94 5.62 -0.46
N VAL A 2 1.43 5.59 0.76
CA VAL A 2 2.14 6.15 1.89
C VAL A 2 2.52 5.05 2.87
N VAL A 3 3.67 5.21 3.50
CA VAL A 3 4.15 4.24 4.46
C VAL A 3 4.53 4.94 5.75
N ILE A 4 4.18 4.30 6.87
CA ILE A 4 4.48 4.87 8.17
C ILE A 4 5.42 3.92 8.93
N ASN A 5 6.69 4.27 8.90
CA ASN A 5 7.70 3.46 9.56
C ASN A 5 7.82 2.11 8.86
N GLY A 6 6.92 1.21 9.21
CA GLY A 6 6.93 -0.12 8.62
C GLY A 6 5.54 -0.47 8.07
N VAL A 7 4.63 0.49 8.17
CA VAL A 7 3.27 0.30 7.70
C VAL A 7 3.17 0.79 6.25
N LYS A 8 2.46 0.03 5.45
CA LYS A 8 2.28 0.37 4.04
C LYS A 8 0.79 0.39 3.72
N TYR A 9 0.36 1.48 3.10
CA TYR A 9 -1.04 1.64 2.72
C TYR A 9 -1.18 2.49 1.46
N ALA A 10 -2.16 2.12 0.65
CA ALA A 10 -2.41 2.84 -0.59
C ALA A 10 -3.87 2.65 -1.00
N CYS A 11 -4.29 3.45 -1.97
CA CYS A 11 -5.66 3.38 -2.45
C CYS A 11 -5.93 1.95 -2.93
N ASP A 12 -7.20 1.61 -3.00
CA ASP A 12 -7.60 0.28 -3.42
C ASP A 12 -7.37 0.15 -4.93
N SER A 13 -7.10 1.28 -5.55
CA SER A 13 -6.86 1.30 -6.99
C SER A 13 -5.35 1.41 -7.27
N CYS A 14 -4.58 0.92 -6.31
CA CYS A 14 -3.14 0.95 -6.44
C CYS A 14 -2.56 -0.24 -5.65
N ILE A 15 -2.97 -0.34 -4.40
CA ILE A 15 -2.51 -1.41 -3.55
C ILE A 15 -2.90 -2.76 -4.16
N LYS A 16 -3.95 -2.71 -4.98
CA LYS A 16 -4.43 -3.91 -5.64
C LYS A 16 -3.69 -4.10 -6.97
N SER A 17 -3.09 -3.01 -7.43
CA SER A 17 -2.34 -3.04 -8.67
C SER A 17 -0.84 -3.10 -8.38
N HIS A 18 -0.29 -1.94 -8.05
CA HIS A 18 1.12 -1.85 -7.75
C HIS A 18 1.60 -0.40 -7.93
N LYS A 19 0.87 0.32 -8.75
CA LYS A 19 1.20 1.72 -9.02
C LYS A 19 1.33 2.46 -7.69
N ALA A 20 0.74 1.88 -6.65
CA ALA A 20 0.80 2.47 -5.33
C ALA A 20 2.22 2.97 -5.05
N ALA A 21 3.17 2.33 -5.71
CA ALA A 21 4.57 2.69 -5.53
C ALA A 21 4.69 4.21 -5.39
N GLN A 22 3.79 4.91 -6.08
CA GLN A 22 3.77 6.36 -6.04
C GLN A 22 2.37 6.89 -6.38
N CYS A 23 1.38 6.24 -5.80
CA CYS A 23 0.00 6.64 -6.02
C CYS A 23 -0.13 8.13 -5.73
N GLU A 24 -1.01 8.77 -6.49
CA GLU A 24 -1.24 10.20 -6.32
C GLU A 24 -2.73 10.52 -6.44
N HIS A 25 -3.54 9.48 -6.24
CA HIS A 25 -4.98 9.64 -6.32
C HIS A 25 -5.52 10.06 -4.95
N ASN A 26 -6.73 10.62 -4.97
CA ASN A 26 -7.36 11.08 -3.75
C ASN A 26 -8.59 10.19 -3.48
N ASP A 27 -9.54 10.25 -4.41
CA ASP A 27 -10.76 9.47 -4.28
C ASP A 27 -10.40 8.00 -4.04
N ARG A 28 -11.43 7.18 -3.88
CA ARG A 28 -11.23 5.77 -3.65
C ARG A 28 -10.82 5.52 -2.20
N PRO A 29 -11.20 4.32 -1.69
CA PRO A 29 -10.88 3.94 -0.32
C PRO A 29 -9.40 3.57 -0.20
N LEU A 30 -8.84 3.91 0.96
CA LEU A 30 -7.44 3.61 1.22
C LEU A 30 -7.33 2.27 1.95
N LYS A 31 -6.22 1.59 1.70
CA LYS A 31 -5.99 0.29 2.31
C LYS A 31 -4.60 0.29 2.96
N ILE A 32 -4.44 -0.58 3.95
CA ILE A 32 -3.18 -0.70 4.66
C ILE A 32 -2.78 -2.18 4.74
N LEU A 33 -1.54 -2.39 5.15
CA LEU A 33 -1.02 -3.74 5.28
C LEU A 33 0.47 -3.68 5.64
N LYS A 34 1.03 -4.85 5.90
CA LYS A 34 2.43 -4.94 6.25
C LYS A 34 3.05 -6.16 5.57
N PRO A 35 4.40 -6.13 5.44
CA PRO A 35 5.12 -7.22 4.81
C PRO A 35 5.22 -8.43 5.75
N ARG A 36 6.27 -8.43 6.55
CA ARG A 36 6.49 -9.51 7.49
C ARG A 36 6.67 -10.85 6.74
N GLY A 37 7.67 -11.59 7.15
CA GLY A 37 7.96 -12.87 6.54
C GLY A 37 7.37 -14.02 7.36
N ARG A 38 8.22 -15.01 7.64
CA ARG A 38 7.80 -16.16 8.42
C ARG A 38 6.82 -17.01 7.61
N PRO A 39 7.37 -17.65 6.54
CA PRO A 39 6.55 -18.51 5.68
C PRO A 39 6.24 -19.84 6.37
N PRO A 40 5.13 -20.48 5.91
CA PRO A 40 4.71 -21.74 6.47
C PRO A 40 5.61 -22.89 5.97
N THR A 41 5.29 -23.37 4.79
CA THR A 41 6.06 -24.44 4.18
C THR A 41 5.34 -24.99 2.95
N THR A 42 4.04 -25.13 3.08
CA THR A 42 3.23 -25.64 1.98
C THR A 42 1.83 -25.03 2.02
N MET A 1 1.97 4.90 -2.91
CA MET A 1 1.45 4.43 -1.64
C MET A 1 2.10 5.18 -0.46
N VAL A 2 1.30 5.39 0.57
CA VAL A 2 1.77 6.10 1.74
C VAL A 2 2.23 5.08 2.79
N VAL A 3 3.29 5.43 3.48
CA VAL A 3 3.83 4.55 4.51
C VAL A 3 4.04 5.36 5.81
N ILE A 4 3.69 4.73 6.91
CA ILE A 4 3.83 5.36 8.21
C ILE A 4 4.73 4.51 9.10
N ASN A 5 5.92 5.04 9.36
CA ASN A 5 6.88 4.33 10.20
C ASN A 5 7.22 2.99 9.54
N GLY A 6 6.43 1.99 9.88
CA GLY A 6 6.64 0.65 9.34
C GLY A 6 5.36 0.09 8.74
N VAL A 7 4.46 1.00 8.38
CA VAL A 7 3.19 0.61 7.80
C VAL A 7 3.16 0.99 6.32
N LYS A 8 2.63 0.09 5.51
CA LYS A 8 2.54 0.32 4.08
C LYS A 8 1.08 0.26 3.64
N TYR A 9 0.54 1.41 3.27
CA TYR A 9 -0.83 1.49 2.83
C TYR A 9 -0.97 2.39 1.60
N ALA A 10 -1.85 1.98 0.70
CA ALA A 10 -2.07 2.72 -0.53
C ALA A 10 -3.55 2.63 -0.91
N CYS A 11 -3.95 3.51 -1.83
CA CYS A 11 -5.33 3.53 -2.28
C CYS A 11 -5.69 2.13 -2.80
N ASP A 12 -6.99 1.88 -2.85
CA ASP A 12 -7.48 0.59 -3.32
C ASP A 12 -7.32 0.51 -4.84
N SER A 13 -7.03 1.66 -5.43
CA SER A 13 -6.85 1.74 -6.87
C SER A 13 -5.36 1.73 -7.22
N CYS A 14 -4.58 1.16 -6.32
CA CYS A 14 -3.15 1.07 -6.51
C CYS A 14 -2.65 -0.25 -5.90
N ILE A 15 -2.96 -0.42 -4.62
CA ILE A 15 -2.56 -1.63 -3.92
C ILE A 15 -3.15 -2.84 -4.63
N LYS A 16 -4.24 -2.62 -5.34
CA LYS A 16 -4.91 -3.68 -6.06
C LYS A 16 -4.35 -3.75 -7.49
N SER A 17 -3.73 -2.66 -7.89
CA SER A 17 -3.14 -2.58 -9.22
C SER A 17 -1.63 -2.82 -9.15
N HIS A 18 -0.93 -1.77 -8.74
CA HIS A 18 0.52 -1.84 -8.63
C HIS A 18 1.11 -0.44 -8.67
N LYS A 19 0.35 0.47 -9.28
CA LYS A 19 0.79 1.85 -9.39
C LYS A 19 1.18 2.38 -8.01
N ALA A 20 0.68 1.69 -6.99
CA ALA A 20 0.96 2.07 -5.62
C ALA A 20 2.42 2.49 -5.50
N ALA A 21 3.25 1.91 -6.35
CA ALA A 21 4.67 2.21 -6.36
C ALA A 21 4.87 3.68 -6.01
N GLN A 22 3.95 4.50 -6.48
CA GLN A 22 4.01 5.93 -6.23
C GLN A 22 2.61 6.55 -6.32
N CYS A 23 1.65 5.83 -5.77
CA CYS A 23 0.27 6.30 -5.78
C CYS A 23 0.27 7.80 -5.46
N GLU A 24 -0.75 8.48 -5.97
CA GLU A 24 -0.88 9.91 -5.75
C GLU A 24 -2.33 10.34 -5.95
N HIS A 25 -3.23 9.40 -5.75
CA HIS A 25 -4.66 9.67 -5.91
C HIS A 25 -5.24 10.13 -4.57
N ASN A 26 -6.54 10.36 -4.59
CA ASN A 26 -7.23 10.80 -3.38
C ASN A 26 -8.44 9.90 -3.13
N ASP A 27 -9.40 9.98 -4.05
CA ASP A 27 -10.61 9.18 -3.94
C ASP A 27 -10.22 7.72 -3.70
N ARG A 28 -11.24 6.89 -3.56
CA ARG A 28 -11.03 5.47 -3.33
C ARG A 28 -10.59 5.23 -1.88
N PRO A 29 -10.93 4.01 -1.37
CA PRO A 29 -10.58 3.65 -0.01
C PRO A 29 -9.09 3.33 0.11
N LEU A 30 -8.49 3.81 1.19
CA LEU A 30 -7.08 3.58 1.42
C LEU A 30 -6.89 2.24 2.16
N LYS A 31 -6.13 1.36 1.55
CA LYS A 31 -5.87 0.06 2.15
C LYS A 31 -4.49 0.07 2.81
N ILE A 32 -4.37 -0.73 3.87
CA ILE A 32 -3.12 -0.82 4.59
C ILE A 32 -2.62 -2.26 4.56
N LEU A 33 -1.33 -2.42 4.82
CA LEU A 33 -0.71 -3.73 4.82
C LEU A 33 0.77 -3.60 5.17
N LYS A 34 1.45 -4.74 5.19
CA LYS A 34 2.86 -4.76 5.51
C LYS A 34 3.59 -5.65 4.50
N PRO A 35 4.93 -5.47 4.44
CA PRO A 35 5.76 -6.24 3.52
C PRO A 35 5.94 -7.67 4.03
N ARG A 36 4.83 -8.34 4.25
CA ARG A 36 4.85 -9.71 4.75
C ARG A 36 3.76 -10.54 4.06
N GLY A 37 4.06 -10.99 2.86
CA GLY A 37 3.13 -11.80 2.10
C GLY A 37 3.67 -13.21 1.86
N ARG A 38 4.99 -13.29 1.73
CA ARG A 38 5.64 -14.57 1.50
C ARG A 38 5.46 -15.48 2.72
N PRO A 39 5.84 -14.93 3.91
CA PRO A 39 5.73 -15.68 5.15
C PRO A 39 4.26 -15.76 5.61
N PRO A 40 3.97 -16.81 6.41
CA PRO A 40 2.63 -17.01 6.92
C PRO A 40 2.32 -16.03 8.05
N THR A 41 1.28 -16.35 8.81
CA THR A 41 0.87 -15.51 9.93
C THR A 41 2.11 -15.02 10.70
N THR A 42 2.45 -15.77 11.73
CA THR A 42 3.59 -15.43 12.56
C THR A 42 3.66 -13.92 12.79
N MET A 1 0.52 6.18 -2.56
CA MET A 1 0.90 5.32 -1.46
C MET A 1 1.51 6.13 -0.31
N VAL A 2 1.30 5.63 0.90
CA VAL A 2 1.82 6.29 2.08
C VAL A 2 2.42 5.25 3.03
N VAL A 3 3.33 5.72 3.88
CA VAL A 3 3.98 4.85 4.83
C VAL A 3 4.16 5.57 6.16
N ILE A 4 3.96 4.84 7.25
CA ILE A 4 4.09 5.41 8.57
C ILE A 4 4.87 4.43 9.47
N ASN A 5 5.95 4.95 10.03
CA ASN A 5 6.79 4.15 10.91
C ASN A 5 7.34 2.96 10.12
N GLY A 6 6.59 1.87 10.12
CA GLY A 6 7.00 0.67 9.41
C GLY A 6 5.80 0.02 8.71
N VAL A 7 4.81 0.86 8.41
CA VAL A 7 3.61 0.38 7.73
C VAL A 7 3.48 1.07 6.38
N LYS A 8 2.80 0.39 5.46
CA LYS A 8 2.61 0.93 4.13
C LYS A 8 1.12 0.87 3.79
N TYR A 9 0.70 1.82 2.95
CA TYR A 9 -0.70 1.89 2.54
C TYR A 9 -0.81 2.44 1.11
N ALA A 10 -2.03 2.38 0.58
CA ALA A 10 -2.28 2.86 -0.76
C ALA A 10 -3.77 2.68 -1.09
N CYS A 11 -4.19 3.33 -2.16
CA CYS A 11 -5.57 3.24 -2.59
C CYS A 11 -5.83 1.82 -3.08
N ASP A 12 -7.10 1.44 -3.05
CA ASP A 12 -7.50 0.11 -3.48
C ASP A 12 -7.31 0.00 -5.00
N SER A 13 -7.12 1.15 -5.63
CA SER A 13 -6.92 1.20 -7.06
C SER A 13 -5.43 1.27 -7.40
N CYS A 14 -4.63 0.80 -6.45
CA CYS A 14 -3.19 0.80 -6.62
C CYS A 14 -2.63 -0.49 -6.02
N ILE A 15 -2.90 -0.65 -4.73
CA ILE A 15 -2.43 -1.82 -4.01
C ILE A 15 -2.94 -3.09 -4.71
N LYS A 16 -4.06 -2.92 -5.41
CA LYS A 16 -4.67 -4.03 -6.12
C LYS A 16 -4.22 -3.99 -7.59
N SER A 17 -3.76 -2.82 -8.00
CA SER A 17 -3.31 -2.64 -9.37
C SER A 17 -1.79 -2.82 -9.44
N HIS A 18 -1.07 -1.81 -8.96
CA HIS A 18 0.38 -1.85 -8.98
C HIS A 18 0.92 -0.42 -8.86
N LYS A 19 0.12 0.53 -9.32
CA LYS A 19 0.51 1.92 -9.27
C LYS A 19 0.96 2.28 -7.86
N ALA A 20 0.52 1.46 -6.91
CA ALA A 20 0.88 1.68 -5.51
C ALA A 20 2.33 2.11 -5.42
N ALA A 21 3.14 1.56 -6.31
CA ALA A 21 4.56 1.88 -6.34
C ALA A 21 4.75 3.36 -6.00
N GLN A 22 3.99 4.19 -6.69
CA GLN A 22 4.07 5.63 -6.47
C GLN A 22 2.66 6.23 -6.42
N CYS A 23 1.74 5.47 -5.85
CA CYS A 23 0.36 5.93 -5.73
C CYS A 23 0.37 7.33 -5.15
N GLU A 24 -0.66 8.09 -5.50
CA GLU A 24 -0.79 9.47 -5.02
C GLU A 24 -2.19 10.00 -5.30
N HIS A 25 -3.15 9.07 -5.30
CA HIS A 25 -4.53 9.43 -5.55
C HIS A 25 -5.18 9.93 -4.26
N ASN A 26 -6.32 10.58 -4.42
CA ASN A 26 -7.05 11.11 -3.28
C ASN A 26 -8.30 10.26 -3.03
N ASP A 27 -9.28 10.45 -3.90
CA ASP A 27 -10.53 9.72 -3.79
C ASP A 27 -10.22 8.22 -3.70
N ARG A 28 -11.29 7.43 -3.58
CA ARG A 28 -11.15 6.00 -3.48
C ARG A 28 -10.76 5.59 -2.06
N PRO A 29 -11.16 4.35 -1.68
CA PRO A 29 -10.85 3.85 -0.36
C PRO A 29 -9.38 3.43 -0.25
N LEU A 30 -8.77 3.80 0.86
CA LEU A 30 -7.38 3.48 1.09
C LEU A 30 -7.28 2.14 1.83
N LYS A 31 -6.11 1.53 1.71
CA LYS A 31 -5.88 0.24 2.36
C LYS A 31 -4.48 0.23 2.97
N ILE A 32 -4.26 -0.74 3.85
CA ILE A 32 -2.97 -0.86 4.52
C ILE A 32 -2.30 -2.17 4.07
N LEU A 33 -1.02 -2.29 4.41
CA LEU A 33 -0.27 -3.47 4.06
C LEU A 33 1.20 -3.26 4.41
N LYS A 34 1.99 -4.30 4.20
CA LYS A 34 3.41 -4.23 4.48
C LYS A 34 4.16 -5.24 3.61
N PRO A 35 4.56 -4.75 2.40
CA PRO A 35 5.29 -5.60 1.46
C PRO A 35 6.73 -5.82 1.90
N ARG A 36 7.09 -7.07 2.07
CA ARG A 36 8.44 -7.43 2.50
C ARG A 36 9.20 -8.08 1.35
N GLY A 37 8.56 -8.09 0.18
CA GLY A 37 9.17 -8.68 -1.00
C GLY A 37 10.65 -8.31 -1.09
N ARG A 38 10.94 -7.05 -0.77
CA ARG A 38 12.31 -6.58 -0.81
C ARG A 38 12.82 -6.55 -2.25
N PRO A 39 13.73 -5.58 -2.53
CA PRO A 39 14.30 -5.43 -3.84
C PRO A 39 15.34 -6.52 -4.12
N PRO A 40 15.55 -6.79 -5.44
CA PRO A 40 16.51 -7.81 -5.84
C PRO A 40 17.95 -7.32 -5.67
N THR A 41 18.87 -8.04 -6.29
CA THR A 41 20.28 -7.69 -6.21
C THR A 41 21.06 -8.38 -7.33
N THR A 42 21.40 -9.64 -7.08
CA THR A 42 22.15 -10.42 -8.05
C THR A 42 21.62 -10.15 -9.46
N MET A 1 1.53 5.37 -2.52
CA MET A 1 1.46 4.66 -1.25
C MET A 1 1.89 5.55 -0.10
N VAL A 2 1.57 5.10 1.11
CA VAL A 2 1.93 5.84 2.30
C VAL A 2 2.49 4.89 3.36
N VAL A 3 3.80 4.92 3.49
CA VAL A 3 4.48 4.06 4.46
C VAL A 3 4.75 4.85 5.74
N ILE A 4 4.53 4.19 6.87
CA ILE A 4 4.76 4.82 8.16
C ILE A 4 5.48 3.84 9.07
N ASN A 5 6.61 4.29 9.59
CA ASN A 5 7.41 3.46 10.49
C ASN A 5 7.85 2.20 9.75
N GLY A 6 7.01 1.17 9.83
CA GLY A 6 7.29 -0.09 9.19
C GLY A 6 6.05 -0.65 8.49
N VAL A 7 5.13 0.25 8.17
CA VAL A 7 3.90 -0.13 7.51
C VAL A 7 3.84 0.54 6.13
N LYS A 8 3.04 -0.06 5.25
CA LYS A 8 2.88 0.47 3.91
C LYS A 8 1.40 0.53 3.57
N TYR A 9 0.98 1.71 3.14
CA TYR A 9 -0.42 1.93 2.78
C TYR A 9 -0.55 2.30 1.30
N ALA A 10 -1.79 2.48 0.88
CA ALA A 10 -2.06 2.85 -0.51
C ALA A 10 -3.57 2.80 -0.75
N CYS A 11 -3.97 3.37 -1.87
CA CYS A 11 -5.38 3.41 -2.24
C CYS A 11 -5.78 2.01 -2.73
N ASP A 12 -7.07 1.73 -2.65
CA ASP A 12 -7.59 0.44 -3.07
C ASP A 12 -7.45 0.33 -4.59
N SER A 13 -7.14 1.45 -5.22
CA SER A 13 -6.97 1.48 -6.66
C SER A 13 -5.48 1.53 -7.02
N CYS A 14 -4.67 0.99 -6.13
CA CYS A 14 -3.24 0.98 -6.33
C CYS A 14 -2.69 -0.34 -5.78
N ILE A 15 -3.07 -0.62 -4.53
CA ILE A 15 -2.62 -1.84 -3.89
C ILE A 15 -3.08 -3.05 -4.70
N LYS A 16 -4.20 -2.88 -5.37
CA LYS A 16 -4.75 -3.95 -6.20
C LYS A 16 -4.01 -3.99 -7.54
N SER A 17 -3.35 -2.89 -7.84
CA SER A 17 -2.60 -2.79 -9.08
C SER A 17 -1.11 -2.93 -8.81
N HIS A 18 -0.50 -1.84 -8.35
CA HIS A 18 0.91 -1.84 -8.05
C HIS A 18 1.44 -0.40 -8.07
N LYS A 19 0.73 0.45 -8.80
CA LYS A 19 1.11 1.85 -8.92
C LYS A 19 1.28 2.43 -7.52
N ALA A 20 0.71 1.75 -6.55
CA ALA A 20 0.79 2.19 -5.17
C ALA A 20 2.20 2.71 -4.88
N ALA A 21 3.16 2.16 -5.61
CA ALA A 21 4.55 2.56 -5.46
C ALA A 21 4.61 4.06 -5.14
N GLN A 22 3.68 4.79 -5.75
CA GLN A 22 3.62 6.24 -5.55
C GLN A 22 2.20 6.75 -5.77
N CYS A 23 1.25 6.02 -5.21
CA CYS A 23 -0.15 6.38 -5.34
C CYS A 23 -0.29 7.89 -5.05
N GLU A 24 -1.30 8.48 -5.65
CA GLU A 24 -1.55 9.90 -5.47
C GLU A 24 -2.90 10.29 -6.08
N HIS A 25 -3.83 9.34 -6.04
CA HIS A 25 -5.16 9.57 -6.57
C HIS A 25 -6.04 10.25 -5.51
N ASN A 26 -7.29 10.46 -5.88
CA ASN A 26 -8.23 11.10 -4.97
C ASN A 26 -9.30 10.08 -4.56
N ASP A 27 -10.20 9.80 -5.50
CA ASP A 27 -11.28 8.85 -5.24
C ASP A 27 -10.68 7.56 -4.70
N ARG A 28 -11.57 6.61 -4.42
CA ARG A 28 -11.14 5.32 -3.89
C ARG A 28 -10.66 5.48 -2.44
N PRO A 29 -11.11 4.53 -1.58
CA PRO A 29 -10.72 4.54 -0.19
C PRO A 29 -9.27 4.08 0.00
N LEU A 30 -8.64 4.63 1.02
CA LEU A 30 -7.26 4.28 1.31
C LEU A 30 -7.22 3.02 2.19
N LYS A 31 -6.41 2.07 1.75
CA LYS A 31 -6.27 0.82 2.49
C LYS A 31 -4.86 0.71 3.05
N ILE A 32 -4.68 -0.25 3.95
CA ILE A 32 -3.38 -0.47 4.56
C ILE A 32 -2.77 -1.75 4.00
N LEU A 33 -1.46 -1.88 4.20
CA LEU A 33 -0.74 -3.05 3.72
C LEU A 33 0.44 -3.32 4.65
N LYS A 34 0.59 -4.60 5.00
CA LYS A 34 1.67 -5.00 5.88
C LYS A 34 1.50 -6.49 6.23
N PRO A 35 0.32 -6.81 6.79
CA PRO A 35 0.02 -8.18 7.18
C PRO A 35 -0.30 -9.04 5.95
N ARG A 36 0.65 -9.07 5.03
CA ARG A 36 0.49 -9.84 3.81
C ARG A 36 -0.91 -9.63 3.22
N GLY A 37 -1.25 -10.47 2.27
CA GLY A 37 -2.55 -10.39 1.62
C GLY A 37 -3.62 -11.08 2.46
N ARG A 38 -4.69 -11.48 1.79
CA ARG A 38 -5.79 -12.15 2.45
C ARG A 38 -6.02 -13.54 1.84
N PRO A 39 -5.40 -14.56 2.48
CA PRO A 39 -5.53 -15.93 2.00
C PRO A 39 -6.90 -16.50 2.35
N PRO A 40 -7.33 -17.51 1.54
CA PRO A 40 -8.61 -18.15 1.76
C PRO A 40 -8.56 -19.09 2.96
N THR A 41 -9.70 -19.20 3.63
CA THR A 41 -9.81 -20.06 4.80
C THR A 41 -9.31 -21.47 4.47
N THR A 42 -8.14 -21.79 5.00
CA THR A 42 -7.55 -23.10 4.77
C THR A 42 -7.18 -23.75 6.10
N MET A 1 -0.26 5.93 -1.44
CA MET A 1 1.00 5.27 -1.16
C MET A 1 1.75 5.95 -0.01
N VAL A 2 1.56 5.40 1.18
CA VAL A 2 2.20 5.95 2.36
C VAL A 2 2.74 4.80 3.22
N VAL A 3 3.73 5.13 4.04
CA VAL A 3 4.34 4.13 4.91
C VAL A 3 4.67 4.78 6.26
N ILE A 4 4.45 4.01 7.31
CA ILE A 4 4.71 4.50 8.65
C ILE A 4 5.43 3.41 9.46
N ASN A 5 6.61 3.75 9.95
CA ASN A 5 7.40 2.81 10.73
C ASN A 5 7.77 1.61 9.85
N GLY A 6 6.90 0.61 9.88
CA GLY A 6 7.13 -0.59 9.09
C GLY A 6 5.83 -1.04 8.40
N VAL A 7 4.91 -0.11 8.28
CA VAL A 7 3.63 -0.39 7.65
C VAL A 7 3.54 0.40 6.34
N LYS A 8 2.74 -0.14 5.42
CA LYS A 8 2.55 0.51 4.13
C LYS A 8 1.06 0.55 3.80
N TYR A 9 0.68 1.55 3.02
CA TYR A 9 -0.71 1.71 2.63
C TYR A 9 -0.82 2.35 1.25
N ALA A 10 -2.03 2.35 0.71
CA ALA A 10 -2.28 2.92 -0.60
C ALA A 10 -3.78 2.91 -0.88
N CYS A 11 -4.17 3.65 -1.92
CA CYS A 11 -5.56 3.72 -2.30
C CYS A 11 -5.94 2.43 -3.03
N ASP A 12 -7.24 2.18 -3.10
CA ASP A 12 -7.73 0.99 -3.77
C ASP A 12 -7.18 0.95 -5.20
N SER A 13 -6.81 2.12 -5.69
CA SER A 13 -6.27 2.22 -7.03
C SER A 13 -4.75 2.03 -7.00
N CYS A 14 -4.27 1.46 -5.90
CA CYS A 14 -2.85 1.22 -5.73
C CYS A 14 -2.67 -0.18 -5.14
N ILE A 15 -3.44 -0.44 -4.09
CA ILE A 15 -3.37 -1.72 -3.42
C ILE A 15 -3.78 -2.83 -4.41
N LYS A 16 -4.55 -2.43 -5.40
CA LYS A 16 -5.01 -3.37 -6.41
C LYS A 16 -3.82 -4.19 -6.92
N SER A 17 -2.64 -3.61 -6.77
CA SER A 17 -1.43 -4.27 -7.22
C SER A 17 -0.21 -3.64 -6.53
N HIS A 18 0.15 -2.46 -6.99
CA HIS A 18 1.29 -1.75 -6.44
C HIS A 18 1.39 -0.37 -7.09
N LYS A 19 0.25 0.15 -7.51
CA LYS A 19 0.21 1.46 -8.14
C LYS A 19 0.68 2.52 -7.14
N ALA A 20 0.77 2.12 -5.89
CA ALA A 20 1.21 3.02 -4.84
C ALA A 20 2.55 3.64 -5.25
N ALA A 21 3.28 2.92 -6.08
CA ALA A 21 4.57 3.39 -6.55
C ALA A 21 4.50 4.90 -6.80
N GLN A 22 3.32 5.34 -7.18
CA GLN A 22 3.10 6.76 -7.45
C GLN A 22 1.62 7.12 -7.27
N CYS A 23 1.04 6.60 -6.19
CA CYS A 23 -0.36 6.86 -5.90
C CYS A 23 -0.65 8.33 -6.20
N GLU A 24 -1.23 8.55 -7.38
CA GLU A 24 -1.56 9.91 -7.80
C GLU A 24 -3.08 10.09 -7.83
N HIS A 25 -3.78 9.07 -7.33
CA HIS A 25 -5.23 9.11 -7.30
C HIS A 25 -5.69 10.13 -6.24
N ASN A 26 -7.01 10.22 -6.09
CA ASN A 26 -7.58 11.14 -5.14
C ASN A 26 -8.78 10.49 -4.46
N ASP A 27 -9.63 9.89 -5.28
CA ASP A 27 -10.82 9.22 -4.78
C ASP A 27 -10.48 7.78 -4.40
N ARG A 28 -11.49 7.06 -3.93
CA ARG A 28 -11.30 5.68 -3.53
C ARG A 28 -10.77 5.60 -2.10
N PRO A 29 -11.15 4.51 -1.39
CA PRO A 29 -10.73 4.31 -0.03
C PRO A 29 -9.26 3.88 0.04
N LEU A 30 -8.69 3.98 1.23
CA LEU A 30 -7.30 3.61 1.44
C LEU A 30 -7.25 2.22 2.10
N LYS A 31 -6.11 1.57 1.92
CA LYS A 31 -5.91 0.25 2.49
C LYS A 31 -4.49 0.14 3.04
N ILE A 32 -4.28 -0.87 3.87
CA ILE A 32 -2.99 -1.10 4.47
C ILE A 32 -2.37 -2.37 3.89
N LEU A 33 -1.12 -2.61 4.24
CA LEU A 33 -0.41 -3.78 3.77
C LEU A 33 1.07 -3.66 4.15
N LYS A 34 1.81 -4.73 3.86
CA LYS A 34 3.22 -4.76 4.16
C LYS A 34 3.82 -6.09 3.67
N PRO A 35 4.26 -6.08 2.39
CA PRO A 35 4.85 -7.26 1.79
C PRO A 35 6.27 -7.50 2.31
N ARG A 36 6.42 -8.58 3.05
CA ARG A 36 7.70 -8.94 3.62
C ARG A 36 8.67 -9.40 2.52
N GLY A 37 8.10 -9.58 1.33
CA GLY A 37 8.89 -10.01 0.19
C GLY A 37 8.52 -11.44 -0.23
N ARG A 38 7.83 -12.12 0.67
CA ARG A 38 7.41 -13.48 0.41
C ARG A 38 7.02 -14.19 1.71
N PRO A 39 7.97 -14.14 2.69
CA PRO A 39 7.75 -14.76 3.99
C PRO A 39 6.78 -13.93 4.83
N PRO A 40 6.13 -14.63 5.80
CA PRO A 40 5.18 -13.97 6.68
C PRO A 40 5.90 -13.11 7.73
N THR A 41 6.25 -13.75 8.83
CA THR A 41 6.94 -13.06 9.90
C THR A 41 7.36 -14.06 10.99
N THR A 42 7.77 -15.23 10.54
CA THR A 42 8.20 -16.28 11.46
C THR A 42 8.42 -17.59 10.71
N MET A 1 0.96 6.29 -2.61
CA MET A 1 0.85 5.54 -1.38
C MET A 1 1.72 6.15 -0.28
N VAL A 2 1.28 5.95 0.95
CA VAL A 2 2.00 6.47 2.10
C VAL A 2 2.41 5.32 3.02
N VAL A 3 3.57 5.47 3.64
CA VAL A 3 4.09 4.46 4.53
C VAL A 3 4.46 5.10 5.87
N ILE A 4 4.11 4.39 6.94
CA ILE A 4 4.39 4.89 8.28
C ILE A 4 5.36 3.92 8.98
N ASN A 5 6.63 4.31 8.98
CA ASN A 5 7.66 3.50 9.60
C ASN A 5 7.82 2.20 8.83
N GLY A 6 6.96 1.24 9.13
CA GLY A 6 7.00 -0.05 8.46
C GLY A 6 5.63 -0.41 7.89
N VAL A 7 4.70 0.51 8.04
CA VAL A 7 3.35 0.31 7.55
C VAL A 7 3.23 0.88 6.13
N LYS A 8 2.55 0.13 5.28
CA LYS A 8 2.36 0.56 3.91
C LYS A 8 0.87 0.52 3.57
N TYR A 9 0.39 1.65 3.06
CA TYR A 9 -1.02 1.77 2.70
C TYR A 9 -1.20 2.66 1.48
N ALA A 10 -2.17 2.32 0.65
CA ALA A 10 -2.45 3.08 -0.55
C ALA A 10 -3.89 2.81 -1.00
N CYS A 11 -4.31 3.56 -2.01
CA CYS A 11 -5.66 3.41 -2.54
C CYS A 11 -5.85 1.95 -2.96
N ASP A 12 -7.11 1.55 -3.01
CA ASP A 12 -7.45 0.19 -3.40
C ASP A 12 -7.19 0.01 -4.90
N SER A 13 -6.98 1.14 -5.57
CA SER A 13 -6.73 1.12 -7.00
C SER A 13 -5.22 1.22 -7.26
N CYS A 14 -4.46 0.81 -6.27
CA CYS A 14 -3.01 0.84 -6.38
C CYS A 14 -2.44 -0.35 -5.60
N ILE A 15 -2.79 -0.40 -4.33
CA ILE A 15 -2.33 -1.48 -3.47
C ILE A 15 -2.77 -2.81 -4.05
N LYS A 16 -3.84 -2.77 -4.82
CA LYS A 16 -4.37 -3.97 -5.45
C LYS A 16 -3.79 -4.11 -6.86
N SER A 17 -3.28 -3.00 -7.37
CA SER A 17 -2.69 -2.98 -8.70
C SER A 17 -1.17 -3.10 -8.59
N HIS A 18 -0.55 -1.99 -8.22
CA HIS A 18 0.89 -1.96 -8.09
C HIS A 18 1.38 -0.50 -8.17
N LYS A 19 0.58 0.32 -8.83
CA LYS A 19 0.91 1.73 -8.98
C LYS A 19 1.24 2.32 -7.61
N ALA A 20 0.75 1.65 -6.59
CA ALA A 20 0.97 2.11 -5.23
C ALA A 20 2.40 2.63 -5.09
N ALA A 21 3.29 2.05 -5.90
CA ALA A 21 4.68 2.45 -5.88
C ALA A 21 4.77 3.96 -5.68
N GLN A 22 3.99 4.68 -6.46
CA GLN A 22 3.96 6.13 -6.38
C GLN A 22 2.53 6.65 -6.44
N CYS A 23 1.64 5.92 -5.78
CA CYS A 23 0.24 6.30 -5.76
C CYS A 23 0.13 7.72 -5.20
N GLU A 24 -0.86 8.44 -5.72
CA GLU A 24 -1.08 9.81 -5.27
C GLU A 24 -2.53 10.23 -5.56
N HIS A 25 -3.39 9.23 -5.64
CA HIS A 25 -4.80 9.49 -5.90
C HIS A 25 -5.49 9.97 -4.63
N ASN A 26 -6.64 10.60 -4.82
CA ASN A 26 -7.39 11.13 -3.69
C ASN A 26 -8.62 10.23 -3.46
N ASP A 27 -9.59 10.37 -4.34
CA ASP A 27 -10.81 9.58 -4.24
C ASP A 27 -10.45 8.11 -4.08
N ARG A 28 -11.48 7.29 -3.95
CA ARG A 28 -11.29 5.86 -3.78
C ARG A 28 -10.93 5.54 -2.33
N PRO A 29 -11.30 4.31 -1.90
CA PRO A 29 -11.02 3.87 -0.54
C PRO A 29 -9.55 3.51 -0.38
N LEU A 30 -9.00 3.90 0.76
CA LEU A 30 -7.60 3.63 1.05
C LEU A 30 -7.49 2.28 1.76
N LYS A 31 -6.33 1.66 1.60
CA LYS A 31 -6.08 0.37 2.22
C LYS A 31 -4.68 0.37 2.84
N ILE A 32 -4.48 -0.55 3.77
CA ILE A 32 -3.21 -0.67 4.45
C ILE A 32 -2.74 -2.13 4.42
N LEU A 33 -1.49 -2.32 4.77
CA LEU A 33 -0.91 -3.66 4.78
C LEU A 33 0.60 -3.56 5.05
N LYS A 34 1.23 -4.72 5.10
CA LYS A 34 2.66 -4.79 5.34
C LYS A 34 3.20 -6.15 4.89
N PRO A 35 3.52 -6.22 3.56
CA PRO A 35 4.05 -7.46 2.99
C PRO A 35 5.50 -7.67 3.40
N ARG A 36 6.18 -6.57 3.67
CA ARG A 36 7.58 -6.62 4.07
C ARG A 36 8.47 -6.91 2.85
N GLY A 37 9.43 -6.03 2.65
CA GLY A 37 10.35 -6.18 1.54
C GLY A 37 11.39 -5.06 1.53
N ARG A 38 12.60 -5.41 1.97
CA ARG A 38 13.69 -4.45 2.01
C ARG A 38 13.37 -3.33 3.01
N PRO A 39 13.39 -3.71 4.32
CA PRO A 39 13.11 -2.75 5.38
C PRO A 39 14.28 -1.80 5.59
N PRO A 40 13.96 -0.60 6.13
CA PRO A 40 14.97 0.41 6.39
C PRO A 40 15.81 0.05 7.61
N THR A 41 16.80 -0.80 7.39
CA THR A 41 17.67 -1.24 8.45
C THR A 41 16.85 -1.63 9.69
N THR A 42 16.83 -0.73 10.65
CA THR A 42 16.09 -0.96 11.89
C THR A 42 16.25 0.23 12.83
N MET A 1 1.31 5.90 -2.10
CA MET A 1 1.69 4.99 -1.03
C MET A 1 2.00 5.76 0.26
N VAL A 2 1.55 5.21 1.38
CA VAL A 2 1.78 5.82 2.66
C VAL A 2 2.35 4.78 3.63
N VAL A 3 3.65 4.85 3.83
CA VAL A 3 4.33 3.94 4.72
C VAL A 3 4.56 4.61 6.07
N ILE A 4 4.38 3.84 7.13
CA ILE A 4 4.57 4.35 8.48
C ILE A 4 5.33 3.32 9.31
N ASN A 5 6.47 3.75 9.82
CA ASN A 5 7.30 2.87 10.64
C ASN A 5 7.79 1.70 9.79
N GLY A 6 6.98 0.65 9.76
CA GLY A 6 7.30 -0.54 9.00
C GLY A 6 6.09 -1.06 8.24
N VAL A 7 5.11 -0.19 8.08
CA VAL A 7 3.89 -0.55 7.38
C VAL A 7 3.79 0.25 6.08
N LYS A 8 3.03 -0.29 5.14
CA LYS A 8 2.84 0.35 3.85
C LYS A 8 1.35 0.40 3.52
N TYR A 9 0.91 1.59 3.10
CA TYR A 9 -0.49 1.77 2.75
C TYR A 9 -0.62 2.31 1.33
N ALA A 10 -1.87 2.46 0.91
CA ALA A 10 -2.15 2.95 -0.44
C ALA A 10 -3.65 2.88 -0.70
N CYS A 11 -4.08 3.56 -1.75
CA CYS A 11 -5.49 3.58 -2.12
C CYS A 11 -5.81 2.28 -2.86
N ASP A 12 -7.09 1.97 -2.90
CA ASP A 12 -7.55 0.76 -3.55
C ASP A 12 -7.03 0.75 -4.99
N SER A 13 -6.75 1.94 -5.50
CA SER A 13 -6.24 2.08 -6.86
C SER A 13 -4.73 1.87 -6.88
N CYS A 14 -4.20 1.42 -5.74
CA CYS A 14 -2.78 1.18 -5.62
C CYS A 14 -2.58 -0.23 -5.07
N ILE A 15 -3.33 -0.54 -4.02
CA ILE A 15 -3.25 -1.85 -3.39
C ILE A 15 -3.65 -2.92 -4.41
N LYS A 16 -4.44 -2.51 -5.39
CA LYS A 16 -4.91 -3.42 -6.42
C LYS A 16 -3.71 -4.20 -6.97
N SER A 17 -2.53 -3.62 -6.82
CA SER A 17 -1.31 -4.24 -7.29
C SER A 17 -0.10 -3.63 -6.60
N HIS A 18 0.24 -2.42 -7.03
CA HIS A 18 1.37 -1.71 -6.46
C HIS A 18 1.46 -0.31 -7.07
N LYS A 19 0.30 0.20 -7.46
CA LYS A 19 0.24 1.52 -8.07
C LYS A 19 0.73 2.56 -7.06
N ALA A 20 0.83 2.13 -5.81
CA ALA A 20 1.28 3.01 -4.75
C ALA A 20 2.59 3.67 -5.17
N ALA A 21 3.32 2.97 -6.02
CA ALA A 21 4.60 3.48 -6.51
C ALA A 21 4.49 4.98 -6.75
N GLN A 22 3.28 5.40 -7.11
CA GLN A 22 3.02 6.81 -7.38
C GLN A 22 1.54 7.12 -7.17
N CYS A 23 1.01 6.61 -6.07
CA CYS A 23 -0.39 6.83 -5.74
C CYS A 23 -0.74 8.29 -6.05
N GLU A 24 -1.36 8.49 -7.20
CA GLU A 24 -1.73 9.83 -7.62
C GLU A 24 -3.26 9.93 -7.71
N HIS A 25 -3.92 8.93 -7.16
CA HIS A 25 -5.38 8.91 -7.18
C HIS A 25 -5.93 9.93 -6.18
N ASN A 26 -7.24 10.06 -6.16
CA ASN A 26 -7.89 11.00 -5.27
C ASN A 26 -9.12 10.33 -4.65
N ASP A 27 -10.13 10.15 -5.48
CA ASP A 27 -11.37 9.52 -5.03
C ASP A 27 -11.15 8.01 -4.93
N ARG A 28 -11.24 7.52 -3.70
CA ARG A 28 -11.07 6.09 -3.45
C ARG A 28 -10.69 5.85 -1.99
N PRO A 29 -11.07 4.65 -1.49
CA PRO A 29 -10.78 4.28 -0.11
C PRO A 29 -9.30 3.92 0.05
N LEU A 30 -8.76 4.26 1.23
CA LEU A 30 -7.37 3.98 1.52
C LEU A 30 -7.26 2.64 2.25
N LYS A 31 -6.46 1.76 1.69
CA LYS A 31 -6.25 0.44 2.28
C LYS A 31 -4.86 0.36 2.89
N ILE A 32 -4.65 -0.67 3.69
CA ILE A 32 -3.36 -0.87 4.33
C ILE A 32 -2.72 -2.15 3.79
N LEU A 33 -1.42 -2.26 4.01
CA LEU A 33 -0.68 -3.43 3.56
C LEU A 33 0.57 -3.61 4.42
N LYS A 34 0.83 -4.85 4.78
CA LYS A 34 1.98 -5.17 5.60
C LYS A 34 2.91 -6.12 4.82
N PRO A 35 4.15 -6.26 5.35
CA PRO A 35 5.14 -7.13 4.73
C PRO A 35 4.82 -8.60 4.98
N ARG A 36 4.37 -8.87 6.20
CA ARG A 36 4.02 -10.22 6.59
C ARG A 36 5.28 -11.09 6.66
N GLY A 37 5.66 -11.60 5.50
CA GLY A 37 6.85 -12.45 5.41
C GLY A 37 6.80 -13.57 6.45
N ARG A 38 6.30 -14.72 6.01
CA ARG A 38 6.19 -15.87 6.89
C ARG A 38 7.58 -16.48 7.14
N PRO A 39 8.29 -16.77 6.02
CA PRO A 39 9.63 -17.35 6.11
C PRO A 39 10.65 -16.30 6.54
N PRO A 40 11.84 -16.80 6.97
CA PRO A 40 12.90 -15.91 7.40
C PRO A 40 13.58 -15.24 6.20
N THR A 41 14.58 -15.93 5.67
CA THR A 41 15.31 -15.42 4.53
C THR A 41 14.34 -14.92 3.45
N THR A 42 14.84 -14.02 2.61
CA THR A 42 14.04 -13.48 1.53
C THR A 42 12.61 -13.21 2.01
N MET A 1 1.53 5.80 -2.68
CA MET A 1 1.31 5.07 -1.45
C MET A 1 1.63 5.93 -0.23
N VAL A 2 1.29 5.41 0.94
CA VAL A 2 1.54 6.12 2.18
C VAL A 2 2.15 5.16 3.20
N VAL A 3 3.45 5.29 3.38
CA VAL A 3 4.17 4.44 4.32
C VAL A 3 4.36 5.20 5.64
N ILE A 4 4.17 4.48 6.73
CA ILE A 4 4.33 5.07 8.05
C ILE A 4 5.12 4.12 8.94
N ASN A 5 6.22 4.64 9.47
CA ASN A 5 7.09 3.85 10.34
C ASN A 5 7.64 2.66 9.55
N GLY A 6 6.90 1.57 9.57
CA GLY A 6 7.30 0.36 8.87
C GLY A 6 6.10 -0.27 8.14
N VAL A 7 5.10 0.56 7.89
CA VAL A 7 3.91 0.10 7.20
C VAL A 7 3.79 0.82 5.86
N LYS A 8 3.05 0.21 4.95
CA LYS A 8 2.84 0.78 3.63
C LYS A 8 1.35 0.75 3.29
N TYR A 9 0.85 1.89 2.87
CA TYR A 9 -0.55 2.02 2.50
C TYR A 9 -0.71 2.43 1.04
N ALA A 10 -1.96 2.53 0.61
CA ALA A 10 -2.26 2.92 -0.75
C ALA A 10 -3.74 2.67 -1.04
N CYS A 11 -4.21 3.25 -2.13
CA CYS A 11 -5.59 3.11 -2.53
C CYS A 11 -5.78 1.71 -3.14
N ASP A 12 -7.02 1.24 -3.10
CA ASP A 12 -7.33 -0.06 -3.65
C ASP A 12 -7.12 -0.03 -5.17
N SER A 13 -7.14 1.16 -5.71
CA SER A 13 -6.96 1.34 -7.15
C SER A 13 -5.47 1.49 -7.46
N CYS A 14 -4.64 1.08 -6.51
CA CYS A 14 -3.20 1.17 -6.68
C CYS A 14 -2.59 -0.13 -6.15
N ILE A 15 -2.74 -0.35 -4.85
CA ILE A 15 -2.20 -1.53 -4.21
C ILE A 15 -2.71 -2.77 -4.95
N LYS A 16 -3.91 -2.65 -5.51
CA LYS A 16 -4.51 -3.74 -6.24
C LYS A 16 -3.61 -4.13 -7.41
N SER A 17 -3.08 -3.11 -8.08
CA SER A 17 -2.21 -3.32 -9.22
C SER A 17 -0.75 -3.10 -8.80
N HIS A 18 -0.57 -2.81 -7.52
CA HIS A 18 0.76 -2.58 -6.98
C HIS A 18 1.22 -1.16 -7.34
N LYS A 19 0.35 -0.46 -8.07
CA LYS A 19 0.66 0.90 -8.48
C LYS A 19 0.95 1.75 -7.25
N ALA A 20 0.54 1.24 -6.10
CA ALA A 20 0.76 1.94 -4.85
C ALA A 20 2.20 2.46 -4.81
N ALA A 21 3.06 1.79 -5.54
CA ALA A 21 4.46 2.17 -5.59
C ALA A 21 4.57 3.70 -5.61
N GLN A 22 3.57 4.32 -6.19
CA GLN A 22 3.53 5.77 -6.27
C GLN A 22 2.08 6.26 -6.31
N CYS A 23 1.31 5.81 -5.34
CA CYS A 23 -0.09 6.19 -5.25
C CYS A 23 -0.16 7.59 -4.64
N GLU A 24 -1.22 8.32 -5.01
CA GLU A 24 -1.41 9.66 -4.50
C GLU A 24 -2.80 10.17 -4.89
N HIS A 25 -3.75 9.25 -4.93
CA HIS A 25 -5.12 9.59 -5.27
C HIS A 25 -5.88 10.01 -4.02
N ASN A 26 -7.03 10.65 -4.24
CA ASN A 26 -7.85 11.10 -3.14
C ASN A 26 -9.23 10.46 -3.24
N ASP A 27 -9.88 10.69 -4.37
CA ASP A 27 -11.20 10.14 -4.60
C ASP A 27 -11.09 8.62 -4.79
N ARG A 28 -10.65 7.96 -3.72
CA ARG A 28 -10.49 6.52 -3.75
C ARG A 28 -10.35 5.97 -2.33
N PRO A 29 -10.78 4.70 -2.15
CA PRO A 29 -10.71 4.04 -0.86
C PRO A 29 -9.27 3.65 -0.53
N LEU A 30 -8.77 4.19 0.57
CA LEU A 30 -7.41 3.91 1.01
C LEU A 30 -7.40 2.58 1.77
N LYS A 31 -6.29 1.87 1.64
CA LYS A 31 -6.14 0.59 2.32
C LYS A 31 -4.74 0.51 2.93
N ILE A 32 -4.58 -0.46 3.82
CA ILE A 32 -3.30 -0.66 4.48
C ILE A 32 -2.64 -1.93 3.94
N LEU A 33 -1.32 -1.97 4.02
CA LEU A 33 -0.57 -3.12 3.55
C LEU A 33 0.75 -3.22 4.33
N LYS A 34 1.16 -4.46 4.56
CA LYS A 34 2.40 -4.70 5.28
C LYS A 34 3.18 -5.82 4.59
N PRO A 35 4.51 -5.81 4.80
CA PRO A 35 5.38 -6.82 4.21
C PRO A 35 5.25 -8.15 4.94
N ARG A 36 4.44 -8.14 6.00
CA ARG A 36 4.22 -9.34 6.78
C ARG A 36 2.82 -9.32 7.40
N GLY A 37 2.49 -10.41 8.08
CA GLY A 37 1.19 -10.52 8.73
C GLY A 37 0.12 -10.92 7.72
N ARG A 38 -0.72 -11.87 8.13
CA ARG A 38 -1.79 -12.35 7.28
C ARG A 38 -1.27 -12.58 5.85
N PRO A 39 -0.59 -13.74 5.67
CA PRO A 39 -0.04 -14.08 4.37
C PRO A 39 -1.14 -14.53 3.40
N PRO A 40 -0.83 -14.42 2.09
CA PRO A 40 -1.79 -14.81 1.07
C PRO A 40 -1.88 -16.34 0.95
N THR A 41 -2.84 -16.79 0.16
CA THR A 41 -3.04 -18.21 -0.05
C THR A 41 -2.89 -18.56 -1.53
N THR A 42 -2.63 -17.54 -2.32
CA THR A 42 -2.47 -17.72 -3.75
C THR A 42 -0.99 -17.79 -4.12
N MET A 1 1.28 5.60 -2.71
CA MET A 1 1.13 4.94 -1.43
C MET A 1 2.02 5.57 -0.37
N VAL A 2 1.56 5.50 0.88
CA VAL A 2 2.30 6.05 1.99
C VAL A 2 2.68 4.94 2.96
N VAL A 3 3.84 5.08 3.57
CA VAL A 3 4.32 4.09 4.52
C VAL A 3 4.72 4.79 5.82
N ILE A 4 4.35 4.16 6.93
CA ILE A 4 4.66 4.71 8.24
C ILE A 4 5.59 3.75 8.99
N ASN A 5 6.87 4.09 8.96
CA ASN A 5 7.87 3.27 9.63
C ASN A 5 7.98 1.93 8.92
N GLY A 6 7.08 1.03 9.27
CA GLY A 6 7.06 -0.30 8.67
C GLY A 6 5.68 -0.64 8.13
N VAL A 7 4.79 0.33 8.24
CA VAL A 7 3.42 0.16 7.76
C VAL A 7 3.32 0.65 6.32
N LYS A 8 2.60 -0.11 5.51
CA LYS A 8 2.42 0.25 4.11
C LYS A 8 0.92 0.28 3.79
N TYR A 9 0.50 1.38 3.20
CA TYR A 9 -0.90 1.54 2.82
C TYR A 9 -1.04 2.39 1.56
N ALA A 10 -2.09 2.10 0.81
CA ALA A 10 -2.35 2.83 -0.43
C ALA A 10 -3.80 2.62 -0.84
N CYS A 11 -4.24 3.44 -1.79
CA CYS A 11 -5.61 3.36 -2.28
C CYS A 11 -5.85 1.91 -2.75
N ASP A 12 -7.13 1.56 -2.80
CA ASP A 12 -7.52 0.23 -3.23
C ASP A 12 -7.29 0.09 -4.74
N SER A 13 -7.06 1.23 -5.38
CA SER A 13 -6.83 1.25 -6.81
C SER A 13 -5.33 1.35 -7.09
N CYS A 14 -4.54 0.88 -6.13
CA CYS A 14 -3.10 0.91 -6.27
C CYS A 14 -2.52 -0.30 -5.54
N ILE A 15 -2.94 -0.45 -4.29
CA ILE A 15 -2.47 -1.55 -3.46
C ILE A 15 -2.85 -2.86 -4.13
N LYS A 16 -3.89 -2.80 -4.94
CA LYS A 16 -4.36 -3.98 -5.65
C LYS A 16 -3.64 -4.09 -7.00
N SER A 17 -3.08 -2.97 -7.42
CA SER A 17 -2.36 -2.92 -8.69
C SER A 17 -0.86 -2.96 -8.44
N HIS A 18 -0.32 -1.82 -8.05
CA HIS A 18 1.10 -1.71 -7.77
C HIS A 18 1.55 -0.26 -7.94
N LYS A 19 0.78 0.48 -8.72
CA LYS A 19 1.09 1.87 -8.96
C LYS A 19 1.28 2.59 -7.63
N ALA A 20 0.74 1.99 -6.58
CA ALA A 20 0.84 2.55 -5.24
C ALA A 20 2.25 3.10 -5.03
N ALA A 21 3.20 2.49 -5.73
CA ALA A 21 4.59 2.90 -5.63
C ALA A 21 4.65 4.42 -5.45
N GLN A 22 3.72 5.10 -6.11
CA GLN A 22 3.66 6.55 -6.04
C GLN A 22 2.24 7.04 -6.33
N CYS A 23 1.27 6.32 -5.78
CA CYS A 23 -0.12 6.67 -5.98
C CYS A 23 -0.27 8.19 -5.81
N GLU A 24 -1.26 8.74 -6.49
CA GLU A 24 -1.52 10.16 -6.43
C GLU A 24 -3.01 10.43 -6.63
N HIS A 25 -3.81 9.42 -6.36
CA HIS A 25 -5.26 9.54 -6.50
C HIS A 25 -5.85 10.06 -5.20
N ASN A 26 -6.97 10.76 -5.33
CA ASN A 26 -7.65 11.32 -4.18
C ASN A 26 -8.89 10.47 -3.86
N ASP A 27 -9.51 9.98 -4.92
CA ASP A 27 -10.70 9.15 -4.78
C ASP A 27 -10.29 7.73 -4.39
N ARG A 28 -11.29 6.89 -4.21
CA ARG A 28 -11.05 5.50 -3.84
C ARG A 28 -10.70 5.41 -2.36
N PRO A 29 -11.05 4.24 -1.75
CA PRO A 29 -10.77 4.01 -0.35
C PRO A 29 -9.29 3.72 -0.12
N LEU A 30 -8.79 4.20 1.00
CA LEU A 30 -7.40 4.01 1.35
C LEU A 30 -7.24 2.68 2.10
N LYS A 31 -6.46 1.79 1.51
CA LYS A 31 -6.22 0.48 2.10
C LYS A 31 -4.89 0.50 2.85
N ILE A 32 -4.76 -0.43 3.78
CA ILE A 32 -3.54 -0.54 4.56
C ILE A 32 -3.11 -2.00 4.63
N LEU A 33 -1.84 -2.19 4.98
CA LEU A 33 -1.29 -3.53 5.08
C LEU A 33 0.12 -3.45 5.68
N LYS A 34 0.59 -4.60 6.15
CA LYS A 34 1.92 -4.67 6.75
C LYS A 34 1.89 -4.06 8.15
N PRO A 35 1.23 -4.81 9.09
CA PRO A 35 1.12 -4.37 10.46
C PRO A 35 2.45 -4.53 11.21
N ARG A 36 2.45 -4.11 12.46
CA ARG A 36 3.64 -4.20 13.28
C ARG A 36 4.89 -3.86 12.45
N GLY A 37 4.88 -2.66 11.90
CA GLY A 37 5.99 -2.20 11.09
C GLY A 37 6.56 -3.34 10.24
N ARG A 38 7.61 -3.96 10.75
CA ARG A 38 8.25 -5.05 10.06
C ARG A 38 9.69 -5.23 10.54
N PRO A 39 10.43 -4.09 10.57
CA PRO A 39 11.81 -4.10 11.01
C PRO A 39 11.91 -4.24 12.53
N PRO A 40 13.08 -4.73 13.00
CA PRO A 40 13.31 -4.91 14.43
C PRO A 40 13.56 -3.57 15.11
N THR A 41 14.48 -2.81 14.54
CA THR A 41 14.81 -1.51 15.10
C THR A 41 14.84 -0.45 13.99
N THR A 42 15.49 -0.80 12.89
CA THR A 42 15.60 0.10 11.76
C THR A 42 15.90 -0.69 10.48
N MET A 1 1.70 5.33 -3.09
CA MET A 1 1.42 4.69 -1.81
C MET A 1 1.92 5.54 -0.64
N VAL A 2 1.54 5.12 0.56
CA VAL A 2 1.95 5.83 1.75
C VAL A 2 2.50 4.84 2.78
N VAL A 3 3.42 5.32 3.59
CA VAL A 3 4.03 4.49 4.62
C VAL A 3 4.22 5.30 5.89
N ILE A 4 3.98 4.64 7.02
CA ILE A 4 4.12 5.29 8.31
C ILE A 4 4.89 4.37 9.26
N ASN A 5 6.02 4.88 9.73
CA ASN A 5 6.86 4.11 10.64
C ASN A 5 7.38 2.86 9.93
N GLY A 6 6.58 1.81 9.97
CA GLY A 6 6.95 0.57 9.33
C GLY A 6 5.74 -0.09 8.66
N VAL A 7 4.71 0.71 8.45
CA VAL A 7 3.49 0.23 7.82
C VAL A 7 3.37 0.84 6.43
N LYS A 8 2.65 0.14 5.58
CA LYS A 8 2.44 0.58 4.21
C LYS A 8 0.94 0.72 3.94
N TYR A 9 0.62 1.50 2.91
CA TYR A 9 -0.76 1.72 2.54
C TYR A 9 -0.86 2.22 1.09
N ALA A 10 -2.11 2.33 0.63
CA ALA A 10 -2.35 2.80 -0.72
C ALA A 10 -3.84 2.65 -1.04
N CYS A 11 -4.25 3.29 -2.12
CA CYS A 11 -5.65 3.25 -2.54
C CYS A 11 -5.95 1.83 -3.04
N ASP A 12 -7.23 1.50 -3.01
CA ASP A 12 -7.67 0.18 -3.46
C ASP A 12 -7.46 0.06 -4.97
N SER A 13 -7.18 1.21 -5.59
CA SER A 13 -6.96 1.25 -7.02
C SER A 13 -5.45 1.35 -7.31
N CYS A 14 -4.66 0.86 -6.37
CA CYS A 14 -3.21 0.89 -6.51
C CYS A 14 -2.63 -0.34 -5.82
N ILE A 15 -2.96 -0.46 -4.54
CA ILE A 15 -2.48 -1.59 -3.75
C ILE A 15 -2.95 -2.89 -4.39
N LYS A 16 -4.05 -2.80 -5.13
CA LYS A 16 -4.61 -3.96 -5.80
C LYS A 16 -4.02 -4.07 -7.20
N SER A 17 -3.47 -2.95 -7.67
CA SER A 17 -2.88 -2.90 -9.00
C SER A 17 -1.36 -3.03 -8.89
N HIS A 18 -0.72 -1.94 -8.51
CA HIS A 18 0.72 -1.93 -8.36
C HIS A 18 1.23 -0.48 -8.43
N LYS A 19 0.45 0.36 -9.08
CA LYS A 19 0.80 1.76 -9.21
C LYS A 19 1.09 2.35 -7.83
N ALA A 20 0.58 1.66 -6.82
CA ALA A 20 0.77 2.10 -5.45
C ALA A 20 2.23 2.53 -5.26
N ALA A 21 3.09 1.95 -6.06
CA ALA A 21 4.52 2.26 -5.99
C ALA A 21 4.69 3.76 -5.70
N GLN A 22 3.75 4.54 -6.22
CA GLN A 22 3.79 5.98 -6.02
C GLN A 22 2.39 6.57 -6.17
N CYS A 23 1.42 5.86 -5.61
CA CYS A 23 0.03 6.30 -5.67
C CYS A 23 -0.04 7.74 -5.17
N GLU A 24 -0.82 8.55 -5.88
CA GLU A 24 -0.98 9.94 -5.52
C GLU A 24 -2.44 10.37 -5.66
N HIS A 25 -3.30 9.37 -5.82
CA HIS A 25 -4.72 9.61 -5.97
C HIS A 25 -5.31 10.03 -4.62
N ASN A 26 -6.48 10.66 -4.69
CA ASN A 26 -7.16 11.11 -3.49
C ASN A 26 -8.39 10.25 -3.25
N ASP A 27 -9.39 10.46 -4.08
CA ASP A 27 -10.64 9.71 -3.97
C ASP A 27 -10.32 8.22 -3.85
N ARG A 28 -11.36 7.45 -3.62
CA ARG A 28 -11.21 6.01 -3.47
C ARG A 28 -10.79 5.65 -2.05
N PRO A 29 -11.20 4.43 -1.61
CA PRO A 29 -10.87 3.97 -0.27
C PRO A 29 -9.40 3.56 -0.19
N LEU A 30 -8.79 3.89 0.95
CA LEU A 30 -7.39 3.56 1.17
C LEU A 30 -7.31 2.24 1.94
N LYS A 31 -6.15 1.60 1.85
CA LYS A 31 -5.92 0.34 2.52
C LYS A 31 -4.49 0.30 3.07
N ILE A 32 -4.21 -0.74 3.83
CA ILE A 32 -2.89 -0.90 4.41
C ILE A 32 -2.21 -2.12 3.79
N LEU A 33 -0.93 -2.29 4.13
CA LEU A 33 -0.16 -3.41 3.62
C LEU A 33 1.23 -3.40 4.25
N LYS A 34 1.90 -4.54 4.14
CA LYS A 34 3.24 -4.68 4.70
C LYS A 34 4.18 -5.20 3.62
N PRO A 35 5.50 -5.11 3.92
CA PRO A 35 6.52 -5.57 2.99
C PRO A 35 6.59 -7.10 2.98
N ARG A 36 6.78 -7.66 4.16
CA ARG A 36 6.87 -9.11 4.30
C ARG A 36 7.11 -9.49 5.76
N GLY A 37 7.22 -10.79 5.99
CA GLY A 37 7.44 -11.30 7.33
C GLY A 37 8.89 -11.07 7.77
N ARG A 38 9.30 -9.80 7.73
CA ARG A 38 10.65 -9.44 8.11
C ARG A 38 11.67 -10.13 7.21
N PRO A 39 12.88 -9.53 7.13
CA PRO A 39 13.95 -10.08 6.31
C PRO A 39 14.57 -11.31 6.97
N PRO A 40 15.47 -11.97 6.21
CA PRO A 40 16.15 -13.16 6.71
C PRO A 40 17.22 -12.79 7.73
N THR A 41 17.86 -11.65 7.48
CA THR A 41 18.91 -11.17 8.36
C THR A 41 20.24 -11.87 8.04
N THR A 42 21.31 -11.25 8.52
CA THR A 42 22.64 -11.80 8.29
C THR A 42 23.69 -10.97 9.02
N MET A 1 0.26 6.17 -2.35
CA MET A 1 0.95 5.28 -1.42
C MET A 1 1.62 6.08 -0.30
N VAL A 2 1.41 5.61 0.91
CA VAL A 2 1.99 6.26 2.08
C VAL A 2 2.56 5.20 3.03
N VAL A 3 3.52 5.62 3.83
CA VAL A 3 4.16 4.73 4.78
C VAL A 3 4.44 5.48 6.07
N ILE A 4 4.25 4.80 7.19
CA ILE A 4 4.47 5.39 8.50
C ILE A 4 5.21 4.38 9.38
N ASN A 5 6.36 4.81 9.89
CA ASN A 5 7.16 3.96 10.75
C ASN A 5 7.58 2.71 9.98
N GLY A 6 6.74 1.70 10.05
CA GLY A 6 7.00 0.44 9.37
C GLY A 6 5.73 -0.11 8.71
N VAL A 7 4.82 0.80 8.43
CA VAL A 7 3.55 0.42 7.81
C VAL A 7 3.43 1.11 6.45
N LYS A 8 2.69 0.47 5.56
CA LYS A 8 2.49 1.02 4.22
C LYS A 8 0.99 0.97 3.88
N TYR A 9 0.60 1.90 3.01
CA TYR A 9 -0.80 1.96 2.59
C TYR A 9 -0.91 2.49 1.16
N ALA A 10 -2.11 2.39 0.62
CA ALA A 10 -2.37 2.85 -0.74
C ALA A 10 -3.85 2.67 -1.06
N CYS A 11 -4.26 3.30 -2.16
CA CYS A 11 -5.65 3.22 -2.58
C CYS A 11 -5.91 1.80 -3.11
N ASP A 12 -7.17 1.41 -3.07
CA ASP A 12 -7.56 0.09 -3.54
C ASP A 12 -7.36 0.01 -5.05
N SER A 13 -7.15 1.16 -5.66
CA SER A 13 -6.95 1.24 -7.09
C SER A 13 -5.46 1.34 -7.40
N CYS A 14 -4.65 0.85 -6.47
CA CYS A 14 -3.22 0.87 -6.63
C CYS A 14 -2.64 -0.42 -6.03
N ILE A 15 -2.91 -0.61 -4.75
CA ILE A 15 -2.42 -1.78 -4.05
C ILE A 15 -2.96 -3.03 -4.75
N LYS A 16 -4.09 -2.87 -5.42
CA LYS A 16 -4.72 -3.97 -6.13
C LYS A 16 -4.24 -3.97 -7.58
N SER A 17 -3.73 -2.82 -8.01
CA SER A 17 -3.25 -2.67 -9.37
C SER A 17 -1.73 -2.87 -9.40
N HIS A 18 -1.02 -1.85 -8.94
CA HIS A 18 0.44 -1.91 -8.92
C HIS A 18 1.00 -0.49 -8.84
N LYS A 19 0.21 0.45 -9.34
CA LYS A 19 0.62 1.85 -9.34
C LYS A 19 1.04 2.26 -7.92
N ALA A 20 0.56 1.47 -6.96
CA ALA A 20 0.88 1.74 -5.56
C ALA A 20 2.34 2.19 -5.44
N ALA A 21 3.16 1.68 -6.35
CA ALA A 21 4.56 2.01 -6.36
C ALA A 21 4.74 3.47 -5.94
N GLN A 22 3.92 4.32 -6.54
CA GLN A 22 3.97 5.75 -6.24
C GLN A 22 2.57 6.33 -6.21
N CYS A 23 1.65 5.56 -5.65
CA CYS A 23 0.26 5.99 -5.56
C CYS A 23 0.24 7.38 -4.93
N GLU A 24 -0.75 8.17 -5.34
CA GLU A 24 -0.90 9.52 -4.83
C GLU A 24 -2.30 10.05 -5.14
N HIS A 25 -3.24 9.13 -5.22
CA HIS A 25 -4.62 9.50 -5.51
C HIS A 25 -5.31 9.97 -4.23
N ASN A 26 -6.45 10.63 -4.41
CA ASN A 26 -7.21 11.12 -3.28
C ASN A 26 -8.50 10.32 -3.14
N ASP A 27 -9.16 10.13 -4.27
CA ASP A 27 -10.41 9.38 -4.30
C ASP A 27 -10.13 7.90 -4.03
N ARG A 28 -11.19 7.12 -4.02
CA ARG A 28 -11.07 5.70 -3.77
C ARG A 28 -10.69 5.45 -2.31
N PRO A 29 -11.12 4.26 -1.80
CA PRO A 29 -10.83 3.89 -0.42
C PRO A 29 -9.37 3.48 -0.27
N LEU A 30 -8.79 3.91 0.85
CA LEU A 30 -7.39 3.60 1.13
C LEU A 30 -7.32 2.27 1.89
N LYS A 31 -6.17 1.63 1.79
CA LYS A 31 -5.96 0.35 2.47
C LYS A 31 -4.56 0.33 3.08
N ILE A 32 -4.36 -0.60 4.00
CA ILE A 32 -3.08 -0.75 4.66
C ILE A 32 -2.43 -2.06 4.25
N LEU A 33 -1.14 -2.16 4.51
CA LEU A 33 -0.40 -3.37 4.18
C LEU A 33 1.07 -3.17 4.53
N LYS A 34 1.86 -4.21 4.31
CA LYS A 34 3.27 -4.17 4.60
C LYS A 34 4.06 -4.21 3.29
N PRO A 35 5.33 -3.73 3.36
CA PRO A 35 6.19 -3.71 2.19
C PRO A 35 6.71 -5.12 1.86
N ARG A 36 7.53 -5.18 0.82
CA ARG A 36 8.09 -6.45 0.40
C ARG A 36 7.10 -7.20 -0.50
N GLY A 37 5.90 -6.65 -0.59
CA GLY A 37 4.86 -7.24 -1.41
C GLY A 37 5.15 -7.06 -2.89
N ARG A 38 4.10 -7.21 -3.69
CA ARG A 38 4.24 -7.06 -5.13
C ARG A 38 3.09 -7.79 -5.84
N PRO A 39 2.87 -9.07 -5.43
CA PRO A 39 1.82 -9.88 -6.03
C PRO A 39 0.44 -9.45 -5.51
N PRO A 40 -0.59 -9.74 -6.34
CA PRO A 40 -1.95 -9.38 -5.98
C PRO A 40 -2.50 -10.33 -4.91
N THR A 41 -2.93 -11.50 -5.35
CA THR A 41 -3.47 -12.50 -4.44
C THR A 41 -4.91 -12.15 -4.07
N THR A 42 -5.07 -10.99 -3.44
CA THR A 42 -6.39 -10.54 -3.03
C THR A 42 -7.20 -10.12 -4.25
N MET A 1 1.75 5.17 -2.53
CA MET A 1 1.89 4.41 -1.30
C MET A 1 2.28 5.32 -0.13
N VAL A 2 1.67 5.06 1.01
CA VAL A 2 1.93 5.85 2.19
C VAL A 2 2.47 4.93 3.31
N VAL A 3 3.77 4.96 3.47
CA VAL A 3 4.42 4.14 4.48
C VAL A 3 4.71 4.99 5.72
N ILE A 4 4.49 4.38 6.87
CA ILE A 4 4.72 5.07 8.14
C ILE A 4 5.43 4.12 9.11
N ASN A 5 6.59 4.55 9.56
CA ASN A 5 7.38 3.76 10.49
C ASN A 5 7.79 2.45 9.82
N GLY A 6 6.93 1.46 9.94
CA GLY A 6 7.19 0.15 9.36
C GLY A 6 5.93 -0.40 8.69
N VAL A 7 5.00 0.50 8.38
CA VAL A 7 3.76 0.10 7.75
C VAL A 7 3.69 0.72 6.34
N LYS A 8 2.89 0.09 5.49
CA LYS A 8 2.73 0.57 4.14
C LYS A 8 1.24 0.65 3.80
N TYR A 9 0.86 1.78 3.21
CA TYR A 9 -0.52 2.00 2.85
C TYR A 9 -0.65 2.36 1.35
N ALA A 10 -1.89 2.53 0.93
CA ALA A 10 -2.15 2.87 -0.47
C ALA A 10 -3.66 2.88 -0.70
N CYS A 11 -4.02 3.05 -1.97
CA CYS A 11 -5.43 3.07 -2.34
C CYS A 11 -5.81 1.70 -2.89
N ASP A 12 -7.10 1.41 -2.85
CA ASP A 12 -7.61 0.14 -3.33
C ASP A 12 -7.40 0.07 -4.85
N SER A 13 -7.06 1.20 -5.43
CA SER A 13 -6.84 1.28 -6.86
C SER A 13 -5.34 1.37 -7.15
N CYS A 14 -4.56 0.81 -6.24
CA CYS A 14 -3.12 0.82 -6.39
C CYS A 14 -2.57 -0.48 -5.82
N ILE A 15 -2.92 -0.75 -4.58
CA ILE A 15 -2.47 -1.96 -3.90
C ILE A 15 -2.92 -3.18 -4.70
N LYS A 16 -4.04 -3.01 -5.40
CA LYS A 16 -4.58 -4.09 -6.22
C LYS A 16 -3.97 -4.02 -7.62
N SER A 17 -3.43 -2.85 -7.94
CA SER A 17 -2.82 -2.64 -9.24
C SER A 17 -1.30 -2.77 -9.13
N HIS A 18 -0.68 -1.70 -8.63
CA HIS A 18 0.77 -1.69 -8.47
C HIS A 18 1.26 -0.24 -8.41
N LYS A 19 0.46 0.64 -9.00
CA LYS A 19 0.81 2.06 -9.02
C LYS A 19 1.13 2.52 -7.60
N ALA A 20 0.65 1.75 -6.63
CA ALA A 20 0.87 2.07 -5.24
C ALA A 20 2.28 2.63 -5.07
N ALA A 21 3.18 2.11 -5.89
CA ALA A 21 4.57 2.55 -5.84
C ALA A 21 4.62 4.04 -5.49
N GLN A 22 3.82 4.82 -6.19
CA GLN A 22 3.76 6.24 -5.97
C GLN A 22 2.31 6.74 -6.07
N CYS A 23 1.41 5.96 -5.52
CA CYS A 23 -0.01 6.30 -5.54
C CYS A 23 -0.14 7.80 -5.24
N GLU A 24 -1.17 8.40 -5.82
CA GLU A 24 -1.42 9.81 -5.63
C GLU A 24 -2.87 10.14 -5.97
N HIS A 25 -3.73 9.14 -5.83
CA HIS A 25 -5.14 9.31 -6.12
C HIS A 25 -5.86 9.85 -4.88
N ASN A 26 -7.09 10.29 -5.09
CA ASN A 26 -7.88 10.83 -4.01
C ASN A 26 -9.22 10.07 -3.94
N ASP A 27 -10.06 10.32 -4.92
CA ASP A 27 -11.36 9.68 -4.98
C ASP A 27 -11.17 8.17 -4.99
N ARG A 28 -11.16 7.59 -3.79
CA ARG A 28 -11.00 6.16 -3.65
C ARG A 28 -10.69 5.81 -2.19
N PRO A 29 -11.08 4.56 -1.80
CA PRO A 29 -10.86 4.09 -0.45
C PRO A 29 -9.39 3.73 -0.23
N LEU A 30 -8.83 4.25 0.85
CA LEU A 30 -7.44 3.98 1.17
C LEU A 30 -7.35 2.74 2.07
N LYS A 31 -6.48 1.83 1.68
CA LYS A 31 -6.30 0.60 2.44
C LYS A 31 -4.89 0.57 3.02
N ILE A 32 -4.68 -0.35 3.94
CA ILE A 32 -3.38 -0.50 4.59
C ILE A 32 -2.79 -1.86 4.22
N LEU A 33 -1.52 -2.02 4.55
CA LEU A 33 -0.82 -3.26 4.28
C LEU A 33 0.50 -3.29 5.04
N LYS A 34 0.94 -4.49 5.38
CA LYS A 34 2.18 -4.66 6.10
C LYS A 34 2.94 -5.85 5.53
N PRO A 35 4.29 -5.82 5.72
CA PRO A 35 5.14 -6.89 5.22
C PRO A 35 5.02 -8.14 6.10
N ARG A 36 5.41 -9.26 5.52
CA ARG A 36 5.36 -10.53 6.23
C ARG A 36 6.62 -11.35 5.97
N GLY A 37 6.49 -12.65 6.11
CA GLY A 37 7.61 -13.55 5.90
C GLY A 37 8.55 -13.56 7.11
N ARG A 38 8.05 -13.00 8.20
CA ARG A 38 8.83 -12.94 9.43
C ARG A 38 9.63 -14.24 9.62
N PRO A 39 8.88 -15.38 9.55
CA PRO A 39 9.50 -16.68 9.72
C PRO A 39 10.29 -17.07 8.47
N PRO A 40 11.30 -17.96 8.69
CA PRO A 40 12.14 -18.43 7.59
C PRO A 40 11.39 -19.44 6.73
N THR A 41 10.71 -20.37 7.40
CA THR A 41 9.95 -21.39 6.70
C THR A 41 10.87 -22.20 5.78
N THR A 42 11.24 -23.38 6.27
CA THR A 42 12.11 -24.26 5.50
C THR A 42 11.73 -24.23 4.03
N MET A 1 -0.14 6.69 -2.13
CA MET A 1 0.36 5.66 -1.23
C MET A 1 1.42 6.24 -0.29
N VAL A 2 1.30 5.87 0.98
CA VAL A 2 2.24 6.35 1.98
C VAL A 2 2.65 5.19 2.88
N VAL A 3 3.81 5.35 3.50
CA VAL A 3 4.33 4.31 4.39
C VAL A 3 4.87 4.97 5.66
N ILE A 4 4.59 4.32 6.79
CA ILE A 4 5.04 4.83 8.07
C ILE A 4 5.90 3.76 8.76
N ASN A 5 7.21 3.96 8.67
CA ASN A 5 8.15 3.02 9.28
C ASN A 5 8.02 1.67 8.59
N GLY A 6 7.12 0.85 9.12
CA GLY A 6 6.90 -0.48 8.58
C GLY A 6 5.45 -0.64 8.12
N VAL A 7 4.74 0.47 8.10
CA VAL A 7 3.35 0.46 7.69
C VAL A 7 3.25 0.94 6.24
N LYS A 8 2.41 0.25 5.48
CA LYS A 8 2.21 0.59 4.08
C LYS A 8 0.71 0.60 3.77
N TYR A 9 0.27 1.70 3.18
CA TYR A 9 -1.13 1.85 2.82
C TYR A 9 -1.28 2.67 1.54
N ALA A 10 -2.31 2.33 0.78
CA ALA A 10 -2.58 3.03 -0.47
C ALA A 10 -4.03 2.76 -0.90
N CYS A 11 -4.41 3.40 -1.99
CA CYS A 11 -5.76 3.25 -2.51
C CYS A 11 -5.93 1.80 -2.98
N ASP A 12 -7.18 1.37 -3.05
CA ASP A 12 -7.49 0.02 -3.47
C ASP A 12 -7.22 -0.11 -4.98
N SER A 13 -7.00 1.03 -5.60
CA SER A 13 -6.74 1.07 -7.03
C SER A 13 -5.23 1.24 -7.28
N CYS A 14 -4.46 0.81 -6.29
CA CYS A 14 -3.01 0.90 -6.39
C CYS A 14 -2.40 -0.30 -5.65
N ILE A 15 -2.74 -0.41 -4.38
CA ILE A 15 -2.25 -1.50 -3.56
C ILE A 15 -2.66 -2.83 -4.18
N LYS A 16 -3.75 -2.78 -4.94
CA LYS A 16 -4.26 -3.97 -5.59
C LYS A 16 -3.65 -4.08 -6.98
N SER A 17 -3.15 -2.96 -7.47
CA SER A 17 -2.54 -2.91 -8.79
C SER A 17 -1.01 -3.01 -8.66
N HIS A 18 -0.41 -1.90 -8.28
CA HIS A 18 1.03 -1.83 -8.12
C HIS A 18 1.50 -0.39 -8.21
N LYS A 19 0.70 0.42 -8.91
CA LYS A 19 1.03 1.83 -9.07
C LYS A 19 1.26 2.46 -7.70
N ALA A 20 0.76 1.79 -6.68
CA ALA A 20 0.91 2.27 -5.32
C ALA A 20 2.35 2.75 -5.11
N ALA A 21 3.26 2.16 -5.88
CA ALA A 21 4.66 2.52 -5.79
C ALA A 21 4.79 4.02 -5.55
N GLN A 22 3.85 4.75 -6.11
CA GLN A 22 3.84 6.20 -5.95
C GLN A 22 2.42 6.75 -6.14
N CYS A 23 1.47 6.02 -5.60
CA CYS A 23 0.07 6.42 -5.70
C CYS A 23 -0.03 7.89 -5.31
N GLU A 24 -1.02 8.55 -5.88
CA GLU A 24 -1.25 9.96 -5.60
C GLU A 24 -2.70 10.34 -5.87
N HIS A 25 -3.56 9.33 -5.79
CA HIS A 25 -4.98 9.54 -6.03
C HIS A 25 -5.65 10.03 -4.74
N ASN A 26 -6.73 10.77 -4.92
CA ASN A 26 -7.47 11.31 -3.78
C ASN A 26 -8.73 10.49 -3.56
N ASP A 27 -9.34 10.09 -4.67
CA ASP A 27 -10.56 9.31 -4.62
C ASP A 27 -10.20 7.85 -4.36
N ARG A 28 -11.24 7.02 -4.29
CA ARG A 28 -11.05 5.60 -4.05
C ARG A 28 -10.79 5.35 -2.56
N PRO A 29 -11.18 4.12 -2.10
CA PRO A 29 -11.00 3.75 -0.72
C PRO A 29 -9.54 3.42 -0.42
N LEU A 30 -9.06 3.94 0.70
CA LEU A 30 -7.69 3.72 1.10
C LEU A 30 -7.60 2.41 1.90
N LYS A 31 -6.44 1.79 1.83
CA LYS A 31 -6.22 0.54 2.53
C LYS A 31 -4.81 0.54 3.14
N ILE A 32 -4.61 -0.33 4.12
CA ILE A 32 -3.33 -0.43 4.79
C ILE A 32 -2.92 -1.90 4.87
N LEU A 33 -1.67 -2.10 5.24
CA LEU A 33 -1.14 -3.46 5.37
C LEU A 33 0.35 -3.39 5.69
N LYS A 34 0.93 -4.57 5.91
CA LYS A 34 2.34 -4.65 6.24
C LYS A 34 2.81 -6.10 6.09
N PRO A 35 3.26 -6.44 4.86
CA PRO A 35 3.74 -7.79 4.58
C PRO A 35 5.12 -8.03 5.20
N ARG A 36 6.14 -7.72 4.42
CA ARG A 36 7.52 -7.89 4.87
C ARG A 36 8.37 -6.69 4.45
N GLY A 37 8.72 -6.69 3.16
CA GLY A 37 9.54 -5.62 2.62
C GLY A 37 11.02 -5.88 2.89
N ARG A 38 11.49 -5.32 4.00
CA ARG A 38 12.88 -5.47 4.37
C ARG A 38 13.21 -4.57 5.57
N PRO A 39 14.18 -5.04 6.40
CA PRO A 39 14.59 -4.28 7.57
C PRO A 39 15.46 -3.08 7.17
N PRO A 40 15.70 -2.19 8.17
CA PRO A 40 16.51 -1.00 7.94
C PRO A 40 18.00 -1.36 7.85
N THR A 41 18.73 -0.56 7.10
CA THR A 41 20.15 -0.78 6.92
C THR A 41 20.90 0.55 6.93
N THR A 42 20.52 1.42 6.00
CA THR A 42 21.15 2.72 5.89
C THR A 42 20.16 3.75 5.33
N MET A 1 -0.30 5.83 -1.77
CA MET A 1 0.91 5.18 -1.30
C MET A 1 1.53 5.95 -0.13
N VAL A 2 1.33 5.42 1.06
CA VAL A 2 1.87 6.04 2.26
C VAL A 2 2.48 4.97 3.16
N VAL A 3 3.38 5.41 4.03
CA VAL A 3 4.03 4.49 4.96
C VAL A 3 4.23 5.20 6.30
N ILE A 4 4.05 4.43 7.36
CA ILE A 4 4.19 4.96 8.71
C ILE A 4 4.96 3.94 9.56
N ASN A 5 6.05 4.42 10.15
CA ASN A 5 6.87 3.57 10.99
C ASN A 5 7.41 2.39 10.17
N GLY A 6 6.62 1.33 10.15
CA GLY A 6 7.00 0.14 9.41
C GLY A 6 5.79 -0.46 8.69
N VAL A 7 4.83 0.39 8.41
CA VAL A 7 3.61 -0.04 7.73
C VAL A 7 3.49 0.69 6.40
N LYS A 8 2.81 0.03 5.46
CA LYS A 8 2.61 0.61 4.14
C LYS A 8 1.12 0.58 3.79
N TYR A 9 0.72 1.55 2.98
CA TYR A 9 -0.66 1.65 2.57
C TYR A 9 -0.77 2.23 1.16
N ALA A 10 -1.98 2.18 0.62
CA ALA A 10 -2.23 2.70 -0.71
C ALA A 10 -3.73 2.56 -1.04
N CYS A 11 -4.13 3.22 -2.11
CA CYS A 11 -5.51 3.17 -2.54
C CYS A 11 -5.79 1.78 -3.10
N ASP A 12 -7.07 1.40 -3.08
CA ASP A 12 -7.47 0.10 -3.57
C ASP A 12 -7.07 -0.03 -5.04
N SER A 13 -6.86 1.12 -5.67
CA SER A 13 -6.47 1.14 -7.06
C SER A 13 -4.95 1.27 -7.18
N CYS A 14 -4.27 0.87 -6.12
CA CYS A 14 -2.82 0.92 -6.08
C CYS A 14 -2.30 -0.34 -5.39
N ILE A 15 -2.55 -0.41 -4.09
CA ILE A 15 -2.11 -1.56 -3.30
C ILE A 15 -2.75 -2.82 -3.87
N LYS A 16 -3.88 -2.63 -4.54
CA LYS A 16 -4.60 -3.75 -5.13
C LYS A 16 -4.16 -3.91 -6.59
N SER A 17 -3.61 -2.84 -7.13
CA SER A 17 -3.14 -2.85 -8.51
C SER A 17 -1.62 -2.99 -8.55
N HIS A 18 -0.94 -1.89 -8.29
CA HIS A 18 0.51 -1.88 -8.29
C HIS A 18 1.02 -0.45 -8.45
N LYS A 19 0.17 0.38 -9.05
CA LYS A 19 0.51 1.78 -9.28
C LYS A 19 0.98 2.40 -7.96
N ALA A 20 0.60 1.75 -6.87
CA ALA A 20 0.98 2.23 -5.55
C ALA A 20 2.41 2.78 -5.59
N ALA A 21 3.21 2.17 -6.45
CA ALA A 21 4.59 2.60 -6.61
C ALA A 21 4.68 4.12 -6.45
N GLN A 22 3.82 4.80 -7.18
CA GLN A 22 3.79 6.25 -7.13
C GLN A 22 2.34 6.75 -7.09
N CYS A 23 1.56 6.11 -6.24
CA CYS A 23 0.16 6.48 -6.08
C CYS A 23 0.06 8.00 -6.09
N GLU A 24 -1.07 8.49 -6.57
CA GLU A 24 -1.31 9.92 -6.64
C GLU A 24 -2.80 10.21 -6.77
N HIS A 25 -3.60 9.29 -6.26
CA HIS A 25 -5.04 9.43 -6.33
C HIS A 25 -5.54 10.14 -5.07
N ASN A 26 -6.76 10.65 -5.16
CA ASN A 26 -7.36 11.36 -4.04
C ASN A 26 -8.63 10.63 -3.61
N ASP A 27 -9.63 10.66 -4.49
CA ASP A 27 -10.90 10.01 -4.20
C ASP A 27 -10.75 8.50 -4.39
N ARG A 28 -10.89 7.79 -3.29
CA ARG A 28 -10.78 6.34 -3.31
C ARG A 28 -10.46 5.81 -1.90
N PRO A 29 -10.91 4.55 -1.66
CA PRO A 29 -10.69 3.92 -0.37
C PRO A 29 -9.23 3.47 -0.22
N LEU A 30 -8.64 3.84 0.90
CA LEU A 30 -7.26 3.48 1.18
C LEU A 30 -7.22 2.12 1.89
N LYS A 31 -6.08 1.46 1.77
CA LYS A 31 -5.90 0.16 2.39
C LYS A 31 -4.51 0.09 3.01
N ILE A 32 -4.34 -0.87 3.91
CA ILE A 32 -3.06 -1.06 4.57
C ILE A 32 -2.43 -2.37 4.10
N LEU A 33 -1.15 -2.50 4.39
CA LEU A 33 -0.41 -3.71 3.99
C LEU A 33 1.06 -3.54 4.36
N LYS A 34 1.82 -4.60 4.14
CA LYS A 34 3.24 -4.59 4.44
C LYS A 34 3.77 -6.03 4.47
N PRO A 35 3.08 -6.88 5.27
CA PRO A 35 3.47 -8.28 5.38
C PRO A 35 3.06 -9.06 4.15
N ARG A 36 4.06 -9.64 3.50
CA ARG A 36 3.82 -10.43 2.30
C ARG A 36 3.09 -11.73 2.65
N GLY A 37 2.80 -12.50 1.62
CA GLY A 37 2.11 -13.77 1.80
C GLY A 37 3.08 -14.94 1.77
N ARG A 38 2.70 -16.02 2.43
CA ARG A 38 3.53 -17.21 2.49
C ARG A 38 4.81 -16.93 3.27
N PRO A 39 4.64 -16.70 4.59
CA PRO A 39 5.76 -16.42 5.46
C PRO A 39 6.57 -17.69 5.76
N PRO A 40 7.85 -17.48 6.13
CA PRO A 40 8.73 -18.60 6.45
C PRO A 40 8.39 -19.21 7.81
N THR A 41 7.39 -18.62 8.44
CA THR A 41 6.95 -19.09 9.75
C THR A 41 6.27 -20.46 9.62
N THR A 42 5.30 -20.52 8.72
CA THR A 42 4.57 -21.75 8.49
C THR A 42 5.53 -22.94 8.45
#